data_8DY3
#
_entry.id   8DY3
#
_cell.length_a   63.030
_cell.length_b   63.030
_cell.length_c   124.960
_cell.angle_alpha   90.000
_cell.angle_beta   90.000
_cell.angle_gamma   90.000
#
_symmetry.space_group_name_H-M   'P 41 21 2'
#
loop_
_entity.id
_entity.type
_entity.pdbx_description
1 polymer 'spFv GLK2 HL'
2 non-polymer 'SULFATE ION'
3 water water
#
_entity_poly.entity_id   1
_entity_poly.type   'polypeptide(L)'
_entity_poly.pdbx_seq_one_letter_code
;EVQLVQSGAEVKKPGESLKISCKGSGYSFTSYWISWVRQMPGCGLEWMGIIDPSDSDTRYSPSFQGQVTISADKSISTAY
LQWSSLKASDTAMYYCARGDGSTDLDYWGQGTLVTVSSGGGSGGCPPCGGGSGGEIVLTQSPGTLSLSPGERATLSCRAS
QSVSSSYLAWYQQKPGQAPRLLIYGASSRATGIPDRFSGSGSGTDFTLTISRLEPEDFAVYYCQQDYGFPWTFGCGTKVE
IKGHHHHHH
;
_entity_poly.pdbx_strand_id   A
#
loop_
_chem_comp.id
_chem_comp.type
_chem_comp.name
_chem_comp.formula
SO4 non-polymer 'SULFATE ION' 'O4 S -2'
#
# COMPACT_ATOMS: atom_id res chain seq x y z
N GLU A 1 16.57 -13.74 -0.89
CA GLU A 1 15.33 -13.07 -0.48
C GLU A 1 15.08 -11.84 -1.34
N VAL A 2 13.82 -11.61 -1.69
CA VAL A 2 13.44 -10.38 -2.41
C VAL A 2 13.52 -9.20 -1.45
N GLN A 3 14.19 -8.12 -1.88
CA GLN A 3 14.22 -6.90 -1.10
C GLN A 3 14.08 -5.68 -2.02
N LEU A 4 13.42 -4.65 -1.49
CA LEU A 4 13.38 -3.33 -2.10
C LEU A 4 13.96 -2.35 -1.10
N VAL A 5 14.99 -1.61 -1.51
CA VAL A 5 15.69 -0.69 -0.63
C VAL A 5 15.55 0.72 -1.20
N GLN A 6 15.05 1.65 -0.41
CA GLN A 6 14.76 3.00 -0.86
C GLN A 6 15.80 3.99 -0.35
N SER A 7 15.84 5.16 -1.00
CA SER A 7 16.83 6.17 -0.64
C SER A 7 16.41 6.89 0.66
N GLY A 8 17.32 7.72 1.19
CA GLY A 8 17.15 8.28 2.51
C GLY A 8 16.18 9.46 2.55
N ALA A 9 15.88 9.89 3.78
CA ALA A 9 14.93 10.96 4.02
C ALA A 9 15.35 12.25 3.31
N GLU A 10 14.34 13.05 2.93
CA GLU A 10 14.53 14.30 2.19
C GLU A 10 13.76 15.41 2.88
N VAL A 11 14.35 16.61 2.90
CA VAL A 11 13.71 17.81 3.41
C VAL A 11 13.81 18.88 2.33
N LYS A 12 12.67 19.44 1.93
CA LYS A 12 12.59 20.34 0.79
C LYS A 12 11.62 21.46 1.09
N LYS A 13 11.65 22.48 0.23
CA LYS A 13 10.68 23.56 0.27
C LYS A 13 9.76 23.47 -0.93
N PRO A 14 8.54 23.98 -0.84
CA PRO A 14 7.62 23.93 -2.00
C PRO A 14 8.26 24.53 -3.25
N GLY A 15 7.98 23.91 -4.39
CA GLY A 15 8.51 24.30 -5.67
C GLY A 15 9.73 23.51 -6.08
N GLU A 16 10.48 22.99 -5.13
CA GLU A 16 11.71 22.29 -5.46
C GLU A 16 11.39 20.96 -6.14
N SER A 17 12.30 20.53 -6.99
CA SER A 17 12.23 19.21 -7.59
C SER A 17 12.88 18.20 -6.65
N LEU A 18 12.52 16.94 -6.84
CA LEU A 18 13.06 15.88 -5.99
C LEU A 18 12.89 14.57 -6.74
N LYS A 19 13.92 13.71 -6.66
CA LYS A 19 13.87 12.37 -7.23
C LYS A 19 14.32 11.38 -6.17
N ILE A 20 13.47 10.40 -5.85
CA ILE A 20 13.81 9.35 -4.90
C ILE A 20 13.85 8.00 -5.61
N SER A 21 14.54 7.04 -4.99
CA SER A 21 14.84 5.81 -5.69
C SER A 21 14.44 4.57 -4.89
N CYS A 22 14.29 3.48 -5.63
CA CYS A 22 13.83 2.19 -5.11
C CYS A 22 14.63 1.12 -5.83
N LYS A 23 15.56 0.47 -5.11
CA LYS A 23 16.45 -0.54 -5.68
C LYS A 23 15.96 -1.96 -5.37
N GLY A 24 15.77 -2.78 -6.40
CA GLY A 24 15.35 -4.14 -6.20
C GLY A 24 16.53 -5.12 -6.16
N SER A 25 16.39 -6.18 -5.37
CA SER A 25 17.45 -7.17 -5.27
C SER A 25 16.82 -8.54 -5.00
N GLY A 26 17.50 -9.59 -5.46
CA GLY A 26 17.02 -10.94 -5.23
C GLY A 26 15.93 -11.43 -6.16
N TYR A 27 15.70 -10.76 -7.28
CA TYR A 27 14.67 -11.17 -8.22
C TYR A 27 14.94 -10.48 -9.55
N SER A 28 14.29 -10.97 -10.61
CA SER A 28 14.44 -10.41 -11.94
CA SER A 28 14.43 -10.42 -11.94
C SER A 28 13.62 -9.13 -12.04
N PHE A 29 14.32 -7.99 -12.03
CA PHE A 29 13.68 -6.68 -11.95
C PHE A 29 12.62 -6.49 -13.04
N THR A 30 12.94 -6.83 -14.29
CA THR A 30 12.02 -6.49 -15.38
C THR A 30 10.77 -7.35 -15.40
N SER A 31 10.69 -8.40 -14.59
CA SER A 31 9.55 -9.30 -14.57
C SER A 31 8.42 -8.83 -13.67
N TYR A 32 8.62 -7.75 -12.92
CA TYR A 32 7.60 -7.29 -11.97
C TYR A 32 7.43 -5.79 -12.11
N TRP A 33 6.20 -5.33 -11.94
CA TRP A 33 5.94 -3.90 -11.99
C TRP A 33 6.25 -3.29 -10.63
N ILE A 34 6.57 -2.00 -10.62
CA ILE A 34 6.82 -1.28 -9.38
C ILE A 34 5.74 -0.22 -9.21
N SER A 35 5.04 -0.27 -8.08
CA SER A 35 4.06 0.76 -7.70
C SER A 35 4.67 1.70 -6.67
N TRP A 36 4.23 2.95 -6.68
CA TRP A 36 4.56 3.90 -5.64
C TRP A 36 3.32 4.20 -4.80
N VAL A 37 3.48 4.21 -3.47
CA VAL A 37 2.37 4.33 -2.54
C VAL A 37 2.74 5.40 -1.51
N ARG A 38 1.83 6.33 -1.24
CA ARG A 38 2.09 7.45 -0.34
C ARG A 38 1.29 7.28 0.94
N GLN A 39 1.84 7.76 2.05
CA GLN A 39 1.09 7.81 3.30
C GLN A 39 1.38 9.16 3.96
N MET A 40 0.50 10.13 3.72
CA MET A 40 0.62 11.40 4.41
C MET A 40 0.43 11.19 5.91
N PRO A 41 0.99 12.08 6.74
CA PRO A 41 0.91 11.90 8.20
C PRO A 41 -0.53 11.75 8.67
N GLY A 42 -0.82 10.63 9.34
CA GLY A 42 -2.14 10.35 9.85
C GLY A 42 -3.14 9.81 8.85
N CYS A 43 -2.74 9.60 7.60
CA CYS A 43 -3.67 9.16 6.56
C CYS A 43 -3.42 7.70 6.18
N GLY A 44 -4.32 7.18 5.37
CA GLY A 44 -4.18 5.83 4.86
C GLY A 44 -3.25 5.78 3.67
N LEU A 45 -3.05 4.58 3.16
CA LEU A 45 -2.19 4.38 2.00
C LEU A 45 -2.88 4.89 0.74
N GLU A 46 -2.12 5.53 -0.16
CA GLU A 46 -2.63 6.01 -1.44
C GLU A 46 -1.75 5.47 -2.56
N TRP A 47 -2.35 4.78 -3.53
CA TRP A 47 -1.61 4.32 -4.71
C TRP A 47 -1.39 5.50 -5.66
N MET A 48 -0.13 5.77 -6.03
CA MET A 48 0.21 6.91 -6.88
C MET A 48 0.30 6.55 -8.35
N GLY A 49 0.83 5.38 -8.66
CA GLY A 49 1.12 5.03 -10.03
C GLY A 49 1.99 3.80 -10.07
N ILE A 50 2.30 3.37 -11.29
CA ILE A 50 2.98 2.10 -11.48
C ILE A 50 3.83 2.19 -12.75
N ILE A 51 4.93 1.43 -12.78
CA ILE A 51 5.77 1.35 -13.97
C ILE A 51 6.07 -0.11 -14.27
N ASP A 52 6.09 -0.44 -15.56
CA ASP A 52 6.60 -1.73 -16.02
C ASP A 52 8.06 -1.49 -16.40
N PRO A 53 9.02 -2.04 -15.65
CA PRO A 53 10.43 -1.72 -15.93
C PRO A 53 10.91 -2.26 -17.26
N SER A 54 10.22 -3.24 -17.84
CA SER A 54 10.70 -3.80 -19.11
C SER A 54 10.66 -2.77 -20.23
N ASP A 55 9.70 -1.84 -20.18
CA ASP A 55 9.54 -0.88 -21.26
C ASP A 55 9.22 0.53 -20.78
N SER A 56 9.19 0.75 -19.47
CA SER A 56 8.91 2.04 -18.84
C SER A 56 7.51 2.55 -19.10
N ASP A 57 6.60 1.66 -19.49
CA ASP A 57 5.19 2.03 -19.55
C ASP A 57 4.67 2.36 -18.15
N THR A 58 3.90 3.44 -18.05
CA THR A 58 3.44 3.92 -16.74
C THR A 58 1.94 4.17 -16.75
N ARG A 59 1.32 4.03 -15.57
CA ARG A 59 -0.02 4.53 -15.32
C ARG A 59 -0.03 5.28 -14.00
N TYR A 60 -0.90 6.27 -13.90
CA TYR A 60 -0.91 7.17 -12.76
C TYR A 60 -2.32 7.29 -12.21
N SER A 61 -2.44 7.34 -10.89
CA SER A 61 -3.70 7.76 -10.31
C SER A 61 -4.02 9.18 -10.78
N PRO A 62 -5.29 9.50 -11.03
CA PRO A 62 -5.60 10.83 -11.55
C PRO A 62 -5.19 11.96 -10.61
N SER A 63 -5.11 11.69 -9.29
CA SER A 63 -4.64 12.70 -8.34
C SER A 63 -3.17 13.06 -8.56
N PHE A 64 -2.38 12.17 -9.15
CA PHE A 64 -0.95 12.38 -9.26
C PHE A 64 -0.47 12.61 -10.68
N GLN A 65 -1.29 12.30 -11.67
CA GLN A 65 -0.91 12.54 -13.06
C GLN A 65 -0.55 14.00 -13.26
N GLY A 66 0.59 14.26 -13.90
CA GLY A 66 1.05 15.62 -14.11
C GLY A 66 1.80 16.24 -12.95
N GLN A 67 1.73 15.65 -11.77
CA GLN A 67 2.49 16.06 -10.60
C GLN A 67 3.79 15.28 -10.42
N VAL A 68 3.81 14.00 -10.78
CA VAL A 68 4.98 13.16 -10.56
C VAL A 68 5.28 12.40 -11.84
N THR A 69 6.53 11.96 -11.95
CA THR A 69 6.98 11.08 -13.02
C THR A 69 7.63 9.86 -12.38
N ILE A 70 7.16 8.68 -12.77
CA ILE A 70 7.77 7.41 -12.39
C ILE A 70 8.65 6.95 -13.55
N SER A 71 9.86 6.52 -13.23
CA SER A 71 10.80 6.08 -14.26
C SER A 71 11.57 4.88 -13.72
N ALA A 72 12.38 4.28 -14.58
CA ALA A 72 13.14 3.11 -14.14
C ALA A 72 14.44 3.05 -14.93
N ASP A 73 15.46 2.49 -14.31
CA ASP A 73 16.72 2.19 -14.99
C ASP A 73 16.90 0.69 -14.79
N LYS A 74 16.45 -0.07 -15.78
CA LYS A 74 16.40 -1.53 -15.61
C LYS A 74 17.78 -2.15 -15.54
N SER A 75 18.80 -1.46 -16.07
CA SER A 75 20.15 -2.00 -16.01
C SER A 75 20.70 -2.06 -14.59
N ILE A 76 20.11 -1.31 -13.64
CA ILE A 76 20.57 -1.33 -12.26
C ILE A 76 19.40 -1.58 -11.31
N SER A 77 18.32 -2.18 -11.84
CA SER A 77 17.17 -2.63 -11.04
C SER A 77 16.64 -1.53 -10.11
N THR A 78 16.55 -0.30 -10.61
CA THR A 78 16.10 0.83 -9.81
C THR A 78 14.91 1.51 -10.46
N ALA A 79 13.87 1.74 -9.65
CA ALA A 79 12.74 2.58 -10.01
C ALA A 79 12.87 3.93 -9.31
N TYR A 80 12.24 4.94 -9.89
CA TYR A 80 12.36 6.30 -9.39
C TYR A 80 10.99 6.98 -9.35
N LEU A 81 10.86 7.91 -8.43
CA LEU A 81 9.68 8.77 -8.32
C LEU A 81 10.18 10.20 -8.28
N GLN A 82 9.68 11.06 -9.16
CA GLN A 82 10.22 12.41 -9.31
C GLN A 82 9.10 13.44 -9.28
N TRP A 83 9.37 14.55 -8.61
CA TRP A 83 8.50 15.72 -8.62
C TRP A 83 9.21 16.88 -9.31
N SER A 84 8.47 17.61 -10.15
CA SER A 84 9.02 18.84 -10.68
C SER A 84 8.82 20.00 -9.73
N SER A 85 7.76 19.95 -8.91
CA SER A 85 7.40 21.08 -8.04
C SER A 85 6.68 20.53 -6.80
N LEU A 86 7.45 20.28 -5.74
CA LEU A 86 6.86 19.74 -4.52
C LEU A 86 5.82 20.70 -3.94
N LYS A 87 4.74 20.14 -3.42
CA LYS A 87 3.72 20.88 -2.66
C LYS A 87 3.90 20.63 -1.18
N ALA A 88 3.36 21.54 -0.37
CA ALA A 88 3.42 21.33 1.08
C ALA A 88 2.73 20.03 1.45
N SER A 89 1.64 19.71 0.77
CA SER A 89 0.90 18.48 1.03
C SER A 89 1.62 17.23 0.55
N ASP A 90 2.77 17.33 -0.10
CA ASP A 90 3.52 16.14 -0.45
C ASP A 90 4.34 15.59 0.72
N THR A 91 4.27 16.20 1.91
CA THR A 91 4.89 15.62 3.09
C THR A 91 4.24 14.26 3.38
N ALA A 92 5.05 13.21 3.39
CA ALA A 92 4.50 11.85 3.50
C ALA A 92 5.64 10.86 3.56
N MET A 93 5.32 9.63 4.00
CA MET A 93 6.17 8.48 3.76
C MET A 93 5.84 7.92 2.38
N TYR A 94 6.87 7.67 1.57
CA TYR A 94 6.69 7.10 0.23
C TYR A 94 7.24 5.70 0.21
N TYR A 95 6.42 4.74 -0.22
CA TYR A 95 6.82 3.34 -0.34
C TYR A 95 6.80 2.91 -1.80
N CYS A 96 7.78 2.09 -2.18
CA CYS A 96 7.68 1.36 -3.43
C CYS A 96 7.33 -0.08 -3.10
N ALA A 97 6.70 -0.75 -4.06
CA ALA A 97 6.20 -2.10 -3.83
C ALA A 97 6.15 -2.84 -5.17
N ARG A 98 6.50 -4.12 -5.13
CA ARG A 98 6.58 -4.99 -6.29
C ARG A 98 5.27 -5.74 -6.53
N GLY A 99 4.96 -6.01 -7.80
CA GLY A 99 3.92 -6.98 -8.11
C GLY A 99 3.98 -7.39 -9.57
N ASP A 100 3.19 -8.41 -9.91
CA ASP A 100 3.09 -8.82 -11.31
C ASP A 100 1.68 -9.23 -11.70
N GLY A 101 0.67 -8.82 -10.93
CA GLY A 101 -0.69 -9.21 -11.20
C GLY A 101 -1.06 -10.62 -10.78
N SER A 102 -0.24 -11.29 -9.98
CA SER A 102 -0.59 -12.62 -9.46
C SER A 102 -0.64 -12.68 -7.94
N THR A 103 0.03 -11.76 -7.24
CA THR A 103 0.14 -11.79 -5.79
C THR A 103 0.00 -10.39 -5.22
N ASP A 104 -0.72 -9.51 -5.93
CA ASP A 104 -0.92 -8.13 -5.52
C ASP A 104 0.43 -7.49 -5.25
N LEU A 105 0.60 -6.70 -4.16
CA LEU A 105 1.87 -6.00 -3.90
C LEU A 105 2.66 -6.80 -2.87
N ASP A 106 3.53 -7.70 -3.34
CA ASP A 106 3.98 -8.75 -2.44
C ASP A 106 5.24 -8.42 -1.66
N TYR A 107 6.03 -7.43 -2.08
CA TYR A 107 7.20 -6.99 -1.34
C TYR A 107 7.27 -5.47 -1.39
N TRP A 108 7.61 -4.88 -0.25
CA TRP A 108 7.59 -3.44 -0.07
C TRP A 108 8.97 -2.94 0.35
N GLY A 109 9.34 -1.75 -0.14
CA GLY A 109 10.49 -1.06 0.39
C GLY A 109 10.24 -0.59 1.82
N GLN A 110 11.28 -0.05 2.44
CA GLN A 110 11.19 0.37 3.84
C GLN A 110 10.63 1.78 4.00
N GLY A 111 10.44 2.49 2.90
CA GLY A 111 9.88 3.83 2.96
C GLY A 111 10.93 4.93 2.92
N THR A 112 10.61 6.02 2.23
CA THR A 112 11.39 7.26 2.23
C THR A 112 10.52 8.38 2.77
N LEU A 113 11.00 9.04 3.82
CA LEU A 113 10.26 10.17 4.36
C LEU A 113 10.64 11.42 3.57
N VAL A 114 9.63 12.11 3.05
CA VAL A 114 9.81 13.38 2.33
C VAL A 114 9.08 14.45 3.12
N THR A 115 9.80 15.45 3.59
CA THR A 115 9.21 16.56 4.34
C THR A 115 9.31 17.83 3.50
N VAL A 116 8.18 18.52 3.30
CA VAL A 116 8.12 19.79 2.59
C VAL A 116 7.60 20.85 3.55
N SER A 117 8.23 22.04 3.52
CA SER A 117 7.89 23.06 4.51
C SER A 117 6.57 23.76 4.13
N SER A 118 6.23 24.79 4.89
CA SER A 118 4.96 25.52 4.74
C SER A 118 3.75 24.65 5.06
N GLY A 124 -4.94 17.91 5.01
CA GLY A 124 -5.78 16.82 5.47
C GLY A 124 -5.67 15.59 4.59
N CYS A 125 -6.51 14.60 4.85
CA CYS A 125 -6.43 13.35 4.11
C CYS A 125 -7.44 13.32 2.98
N PRO A 126 -7.20 12.53 1.94
CA PRO A 126 -8.26 12.30 0.96
C PRO A 126 -9.46 11.66 1.64
N PRO A 127 -10.66 11.91 1.12
CA PRO A 127 -11.86 11.44 1.83
C PRO A 127 -11.93 9.92 1.79
N CYS A 128 -12.19 9.32 2.96
CA CYS A 128 -12.25 7.86 3.01
C CYS A 128 -13.43 7.31 2.23
N GLY A 129 -14.50 8.09 2.10
CA GLY A 129 -15.66 7.63 1.35
C GLY A 129 -15.56 7.80 -0.14
N GLY A 130 -14.43 8.31 -0.63
CA GLY A 130 -14.16 8.45 -2.04
C GLY A 130 -14.41 9.87 -2.54
N GLY A 131 -13.76 10.21 -3.65
CA GLY A 131 -13.91 11.49 -4.30
C GLY A 131 -14.66 11.39 -5.62
N SER A 132 -14.55 12.45 -6.41
CA SER A 132 -15.32 12.58 -7.63
C SER A 132 -14.73 11.79 -8.80
N GLY A 133 -13.63 11.07 -8.59
CA GLY A 133 -12.92 10.43 -9.68
C GLY A 133 -13.48 9.13 -10.19
N GLY A 134 -14.48 8.55 -9.53
CA GLY A 134 -15.03 7.28 -9.99
C GLY A 134 -14.24 6.05 -9.62
N GLU A 135 -13.28 6.18 -8.70
CA GLU A 135 -12.46 5.04 -8.29
C GLU A 135 -13.28 4.05 -7.46
N ILE A 136 -12.82 2.81 -7.41
CA ILE A 136 -13.41 1.78 -6.57
C ILE A 136 -13.07 2.07 -5.11
N VAL A 137 -14.09 2.24 -4.28
CA VAL A 137 -13.90 2.62 -2.88
C VAL A 137 -14.00 1.36 -2.03
N LEU A 138 -13.01 1.16 -1.17
CA LEU A 138 -13.01 0.08 -0.20
C LEU A 138 -13.28 0.68 1.18
N THR A 139 -14.38 0.25 1.79
CA THR A 139 -14.81 0.73 3.11
C THR A 139 -14.48 -0.33 4.14
N GLN A 140 -13.70 0.05 5.15
CA GLN A 140 -13.29 -0.87 6.21
C GLN A 140 -14.03 -0.55 7.51
N SER A 141 -14.58 -1.60 8.13
CA SER A 141 -15.34 -1.53 9.38
C SER A 141 -14.78 -2.48 10.43
N PRO A 142 -14.74 -2.00 11.69
CA PRO A 142 -14.90 -0.59 12.01
C PRO A 142 -13.56 0.09 11.79
N GLY A 143 -13.44 1.39 12.04
CA GLY A 143 -12.15 2.03 11.87
C GLY A 143 -11.15 1.67 12.94
N THR A 144 -11.64 1.33 14.14
CA THR A 144 -10.81 0.95 15.28
C THR A 144 -11.47 -0.22 15.99
N LEU A 145 -10.68 -1.23 16.31
CA LEU A 145 -11.14 -2.41 17.03
C LEU A 145 -10.32 -2.54 18.30
N SER A 146 -10.99 -2.56 19.46
CA SER A 146 -10.34 -2.67 20.75
C SER A 146 -10.68 -4.03 21.33
N LEU A 147 -9.67 -4.90 21.44
CA LEU A 147 -9.88 -6.29 21.84
C LEU A 147 -8.79 -6.68 22.82
N SER A 148 -9.03 -7.75 23.57
CA SER A 148 -7.96 -8.19 24.45
C SER A 148 -7.06 -9.20 23.74
N PRO A 149 -5.81 -9.32 24.18
CA PRO A 149 -4.93 -10.34 23.63
C PRO A 149 -5.56 -11.73 23.75
N GLY A 150 -5.36 -12.54 22.71
CA GLY A 150 -5.95 -13.85 22.64
C GLY A 150 -7.32 -13.90 22.00
N GLU A 151 -8.04 -12.78 21.95
CA GLU A 151 -9.36 -12.77 21.35
C GLU A 151 -9.28 -12.90 19.82
N ARG A 152 -10.39 -13.36 19.24
CA ARG A 152 -10.53 -13.46 17.80
C ARG A 152 -10.94 -12.11 17.24
N ALA A 153 -10.32 -11.72 16.12
CA ALA A 153 -10.58 -10.44 15.48
C ALA A 153 -11.15 -10.66 14.09
N THR A 154 -12.22 -9.92 13.75
CA THR A 154 -12.84 -10.02 12.43
C THR A 154 -12.93 -8.63 11.83
N LEU A 155 -12.32 -8.45 10.67
CA LEU A 155 -12.22 -7.16 10.00
C LEU A 155 -12.96 -7.24 8.67
N SER A 156 -13.66 -6.18 8.33
CA SER A 156 -14.50 -6.15 7.15
C SER A 156 -13.97 -5.18 6.11
N CYS A 157 -14.10 -5.54 4.84
CA CYS A 157 -13.74 -4.67 3.72
C CYS A 157 -14.86 -4.78 2.69
N ARG A 158 -15.55 -3.69 2.40
CA ARG A 158 -16.63 -3.68 1.43
C ARG A 158 -16.27 -2.79 0.25
N ALA A 159 -16.50 -3.30 -0.95
CA ALA A 159 -16.10 -2.60 -2.16
C ALA A 159 -17.32 -1.97 -2.80
N SER A 160 -17.13 -0.77 -3.36
CA SER A 160 -18.23 -0.06 -3.99
C SER A 160 -18.67 -0.70 -5.30
N GLN A 161 -17.88 -1.63 -5.84
CA GLN A 161 -18.32 -2.43 -6.98
C GLN A 161 -17.67 -3.79 -6.86
N SER A 162 -18.25 -4.78 -7.54
CA SER A 162 -17.71 -6.13 -7.47
C SER A 162 -16.26 -6.16 -7.95
N VAL A 163 -15.40 -6.82 -7.17
CA VAL A 163 -14.01 -7.01 -7.56
C VAL A 163 -13.73 -8.51 -7.62
N SER A 164 -13.05 -8.96 -8.66
CA SER A 164 -12.66 -10.36 -8.72
C SER A 164 -11.77 -10.70 -7.52
N SER A 165 -12.06 -11.84 -6.91
CA SER A 165 -11.38 -12.23 -5.68
C SER A 165 -9.88 -12.35 -5.87
N SER A 166 -9.42 -12.60 -7.11
CA SER A 166 -7.99 -12.67 -7.37
C SER A 166 -7.27 -11.35 -7.15
N TYR A 167 -8.01 -10.23 -7.05
CA TYR A 167 -7.38 -8.92 -7.03
C TYR A 167 -7.69 -8.13 -5.76
N LEU A 168 -8.01 -8.82 -4.67
CA LEU A 168 -8.28 -8.22 -3.37
C LEU A 168 -7.22 -8.72 -2.39
N ALA A 169 -6.51 -7.79 -1.75
CA ALA A 169 -5.42 -8.14 -0.86
C ALA A 169 -5.61 -7.47 0.50
N TRP A 170 -4.93 -8.02 1.51
CA TRP A 170 -4.85 -7.42 2.83
C TRP A 170 -3.38 -7.20 3.17
N TYR A 171 -3.09 -6.07 3.82
CA TYR A 171 -1.76 -5.68 4.25
C TYR A 171 -1.80 -5.39 5.74
N GLN A 172 -0.70 -5.72 6.42
CA GLN A 172 -0.51 -5.37 7.81
C GLN A 172 0.57 -4.30 7.90
N GLN A 173 0.30 -3.23 8.62
CA GLN A 173 1.30 -2.19 8.91
C GLN A 173 1.47 -2.11 10.42
N LYS A 174 2.53 -2.74 10.92
CA LYS A 174 2.85 -2.64 12.33
C LYS A 174 3.33 -1.22 12.62
N PRO A 175 3.19 -0.76 13.87
CA PRO A 175 3.54 0.62 14.19
C PRO A 175 4.96 0.96 13.79
N GLY A 176 5.10 2.05 13.02
CA GLY A 176 6.39 2.55 12.61
C GLY A 176 7.08 1.78 11.51
N GLN A 177 6.42 0.79 10.91
CA GLN A 177 7.01 -0.05 9.88
C GLN A 177 6.29 0.15 8.55
N ALA A 178 6.91 -0.34 7.49
CA ALA A 178 6.26 -0.38 6.18
C ALA A 178 5.15 -1.44 6.18
N PRO A 179 4.13 -1.27 5.33
CA PRO A 179 3.15 -2.34 5.14
C PRO A 179 3.82 -3.60 4.61
N ARG A 180 3.24 -4.76 4.92
CA ARG A 180 3.63 -6.00 4.29
C ARG A 180 2.39 -6.77 3.86
N LEU A 181 2.54 -7.58 2.82
CA LEU A 181 1.44 -8.37 2.32
C LEU A 181 1.08 -9.45 3.32
N LEU A 182 -0.22 -9.57 3.60
CA LEU A 182 -0.75 -10.57 4.52
C LEU A 182 -1.51 -11.65 3.75
N ILE A 183 -2.52 -11.25 2.97
CA ILE A 183 -3.40 -12.13 2.21
C ILE A 183 -3.45 -11.59 0.80
N TYR A 184 -3.29 -12.45 -0.20
CA TYR A 184 -3.50 -12.07 -1.58
C TYR A 184 -4.63 -12.89 -2.17
N GLY A 185 -5.22 -12.36 -3.25
CA GLY A 185 -6.30 -13.08 -3.91
C GLY A 185 -7.40 -13.47 -2.95
N ALA A 186 -7.72 -12.58 -2.00
CA ALA A 186 -8.81 -12.68 -1.03
C ALA A 186 -8.57 -13.72 0.06
N SER A 187 -7.94 -14.86 -0.26
CA SER A 187 -7.90 -15.96 0.69
C SER A 187 -6.55 -16.68 0.79
N SER A 188 -5.52 -16.26 0.06
CA SER A 188 -4.23 -16.92 0.10
C SER A 188 -3.29 -16.20 1.06
N ARG A 189 -2.72 -16.95 2.01
CA ARG A 189 -1.70 -16.39 2.90
C ARG A 189 -0.38 -16.19 2.16
N ALA A 190 0.22 -15.02 2.33
CA ALA A 190 1.53 -14.77 1.74
C ALA A 190 2.59 -15.59 2.46
N THR A 191 3.74 -15.75 1.81
CA THR A 191 4.75 -16.65 2.37
C THR A 191 5.26 -16.10 3.70
N GLY A 192 5.39 -16.99 4.68
CA GLY A 192 5.85 -16.63 6.01
C GLY A 192 4.79 -16.09 6.95
N ILE A 193 3.58 -15.81 6.47
CA ILE A 193 2.55 -15.19 7.32
C ILE A 193 1.95 -16.25 8.25
N PRO A 194 1.79 -15.96 9.55
CA PRO A 194 1.24 -16.96 10.47
C PRO A 194 -0.15 -17.44 10.06
N ASP A 195 -0.45 -18.71 10.33
CA ASP A 195 -1.72 -19.18 9.82
C ASP A 195 -2.91 -18.82 10.71
N ARG A 196 -2.71 -18.05 11.80
CA ARG A 196 -3.87 -17.47 12.46
C ARG A 196 -4.53 -16.39 11.61
N PHE A 197 -3.89 -15.92 10.54
CA PHE A 197 -4.50 -14.99 9.60
C PHE A 197 -5.19 -15.76 8.48
N SER A 198 -6.43 -15.39 8.17
CA SER A 198 -7.10 -15.97 7.03
C SER A 198 -8.05 -14.95 6.42
N GLY A 199 -8.24 -15.05 5.11
CA GLY A 199 -9.12 -14.14 4.39
C GLY A 199 -10.20 -14.92 3.67
N SER A 200 -11.35 -14.28 3.49
CA SER A 200 -12.44 -14.90 2.74
C SER A 200 -13.28 -13.80 2.10
N GLY A 201 -14.20 -14.21 1.25
CA GLY A 201 -15.13 -13.30 0.62
C GLY A 201 -14.97 -13.27 -0.89
N SER A 202 -15.94 -12.60 -1.51
CA SER A 202 -15.96 -12.42 -2.95
C SER A 202 -16.92 -11.28 -3.24
N GLY A 203 -16.88 -10.80 -4.49
CA GLY A 203 -17.79 -9.78 -4.95
C GLY A 203 -17.49 -8.45 -4.30
N THR A 204 -18.34 -8.01 -3.36
CA THR A 204 -18.14 -6.75 -2.68
C THR A 204 -17.87 -6.89 -1.19
N ASP A 205 -17.83 -8.12 -0.65
CA ASP A 205 -17.75 -8.29 0.80
C ASP A 205 -16.61 -9.24 1.15
N PHE A 206 -15.61 -8.71 1.87
CA PHE A 206 -14.40 -9.46 2.18
C PHE A 206 -14.13 -9.35 3.68
N THR A 207 -13.49 -10.40 4.21
CA THR A 207 -13.25 -10.51 5.64
C THR A 207 -11.83 -10.98 5.89
N LEU A 208 -11.17 -10.34 6.85
CA LEU A 208 -9.92 -10.82 7.41
C LEU A 208 -10.18 -11.29 8.83
N THR A 209 -9.75 -12.50 9.16
CA THR A 209 -9.91 -13.06 10.50
C THR A 209 -8.54 -13.32 11.10
N ILE A 210 -8.38 -12.98 12.37
CA ILE A 210 -7.20 -13.29 13.16
C ILE A 210 -7.69 -14.21 14.28
N SER A 211 -7.33 -15.49 14.22
CA SER A 211 -7.98 -16.45 15.10
C SER A 211 -7.70 -16.16 16.58
N ARG A 212 -6.53 -15.61 16.87
CA ARG A 212 -6.23 -15.12 18.22
C ARG A 212 -5.26 -13.96 18.07
N LEU A 213 -5.48 -12.89 18.84
CA LEU A 213 -4.62 -11.71 18.74
C LEU A 213 -3.38 -11.95 19.58
N GLU A 214 -2.27 -12.09 18.94
CA GLU A 214 -1.00 -12.18 19.61
C GLU A 214 -0.43 -10.77 19.81
N PRO A 215 0.54 -10.59 20.71
CA PRO A 215 1.04 -9.24 20.99
C PRO A 215 1.55 -8.51 19.76
N GLU A 216 2.14 -9.22 18.82
CA GLU A 216 2.69 -8.60 17.61
C GLU A 216 1.61 -8.24 16.58
N ASP A 217 0.35 -8.62 16.80
CA ASP A 217 -0.75 -8.38 15.84
C ASP A 217 -1.44 -7.04 16.03
N PHE A 218 -1.12 -6.29 17.08
CA PHE A 218 -1.72 -4.98 17.28
C PHE A 218 -1.04 -4.00 16.33
N ALA A 219 -1.80 -3.53 15.35
CA ALA A 219 -1.28 -2.92 14.13
C ALA A 219 -2.46 -2.28 13.39
N VAL A 220 -2.21 -1.84 12.16
CA VAL A 220 -3.27 -1.36 11.28
C VAL A 220 -3.32 -2.30 10.08
N TYR A 221 -4.53 -2.62 9.62
CA TYR A 221 -4.74 -3.55 8.52
C TYR A 221 -5.49 -2.83 7.42
N TYR A 222 -4.98 -2.93 6.19
CA TYR A 222 -5.53 -2.29 5.01
C TYR A 222 -5.96 -3.33 3.99
N CYS A 223 -7.12 -3.15 3.41
CA CYS A 223 -7.44 -3.92 2.22
C CYS A 223 -7.14 -3.09 0.98
N GLN A 224 -7.08 -3.76 -0.15
CA GLN A 224 -6.60 -3.13 -1.37
C GLN A 224 -7.12 -3.93 -2.55
N GLN A 225 -7.40 -3.23 -3.66
CA GLN A 225 -7.82 -3.89 -4.88
C GLN A 225 -6.96 -3.41 -6.03
N ASP A 226 -6.60 -4.33 -6.93
CA ASP A 226 -5.93 -3.97 -8.17
C ASP A 226 -6.69 -4.55 -9.35
N TYR A 227 -8.01 -4.64 -9.23
CA TYR A 227 -8.87 -5.05 -10.33
C TYR A 227 -9.11 -3.93 -11.33
N GLY A 228 -9.24 -2.69 -10.85
CA GLY A 228 -9.46 -1.56 -11.74
C GLY A 228 -8.63 -0.36 -11.33
N PHE A 229 -8.45 0.54 -12.28
CA PHE A 229 -7.64 1.74 -12.04
C PHE A 229 -8.51 2.91 -11.60
N PRO A 230 -7.98 3.78 -10.72
CA PRO A 230 -6.69 3.61 -10.04
C PRO A 230 -6.79 2.50 -8.99
N TRP A 231 -5.69 1.79 -8.72
CA TRP A 231 -5.73 0.87 -7.60
C TRP A 231 -6.04 1.66 -6.33
N THR A 232 -6.71 1.02 -5.38
CA THR A 232 -7.13 1.75 -4.18
C THR A 232 -6.95 0.89 -2.94
N PHE A 233 -6.79 1.57 -1.81
CA PHE A 233 -6.74 0.97 -0.48
C PHE A 233 -7.95 1.41 0.33
N GLY A 234 -8.39 0.56 1.26
CA GLY A 234 -9.27 1.02 2.32
C GLY A 234 -8.52 1.96 3.26
N CYS A 235 -9.28 2.64 4.13
CA CYS A 235 -8.66 3.60 5.05
C CYS A 235 -8.07 2.93 6.28
N GLY A 236 -8.23 1.63 6.42
CA GLY A 236 -7.55 0.87 7.46
C GLY A 236 -8.43 0.65 8.69
N THR A 237 -8.17 -0.46 9.37
CA THR A 237 -8.72 -0.72 10.70
C THR A 237 -7.57 -0.84 11.67
N LYS A 238 -7.56 0.00 12.70
CA LYS A 238 -6.56 -0.06 13.75
C LYS A 238 -7.01 -1.06 14.82
N VAL A 239 -6.19 -2.08 15.06
CA VAL A 239 -6.45 -3.07 16.09
C VAL A 239 -5.60 -2.70 17.29
N GLU A 240 -6.23 -2.42 18.42
CA GLU A 240 -5.54 -1.96 19.63
C GLU A 240 -6.00 -2.76 20.84
N ILE A 241 -5.20 -2.72 21.89
CA ILE A 241 -5.48 -3.50 23.10
C ILE A 241 -6.54 -2.81 23.94
N LYS A 242 -7.55 -3.58 24.35
CA LYS A 242 -8.61 -3.08 25.21
C LYS A 242 -8.05 -2.73 26.59
N GLY A 243 -8.50 -1.60 27.14
CA GLY A 243 -8.07 -1.21 28.48
C GLY A 243 -8.55 -2.22 29.51
N HIS A 244 -7.72 -2.45 30.51
CA HIS A 244 -8.03 -3.43 31.55
C HIS A 244 -7.54 -2.93 32.88
S SO4 B . 11.89 -14.17 -10.67
O1 SO4 B . 11.28 -13.51 -11.82
O2 SO4 B . 12.45 -15.44 -11.12
O3 SO4 B . 10.86 -14.40 -9.64
O4 SO4 B . 12.95 -13.34 -10.11
S SO4 C . -21.69 -9.35 -3.81
O1 SO4 C . -22.68 -10.33 -4.30
O2 SO4 C . -21.00 -9.22 -5.11
O3 SO4 C . -22.16 -8.11 -3.16
O4 SO4 C . -20.93 -9.83 -2.65
#